data_4B62
#
_entry.id   4B62
#
_cell.length_a   30.240
_cell.length_b   51.700
_cell.length_c   79.640
_cell.angle_alpha   90.00
_cell.angle_beta   90.00
_cell.angle_gamma   90.00
#
_symmetry.space_group_name_H-M   'P 21 21 21'
#
loop_
_entity.id
_entity.type
_entity.pdbx_description
1 polymer TSSL1
2 non-polymer 1,2-ETHANEDIOL
3 non-polymer 'PHOSPHATE ION'
4 water water
#
_entity_poly.entity_id   1
_entity_poly.type   'polypeptide(L)'
_entity_poly.pdbx_seq_one_letter_code
;GSHMASQPRVIERPRLARFLADDIKAQRVAVEDAVDRSVVTIRGDELFASASASVRDEFQPLLLRIADALRKVKGQVLVT
GHSDNRPIATLRYPSNWKLSQARAQEVADLLGATTGDAGRFTAEGRSDTEPVATNASAEGRARNRRVEITVFAEGAQ
;
_entity_poly.pdbx_strand_id   A
#
loop_
_chem_comp.id
_chem_comp.type
_chem_comp.name
_chem_comp.formula
EDO non-polymer 1,2-ETHANEDIOL 'C2 H6 O2'
PO4 non-polymer 'PHOSPHATE ION' 'O4 P -3'
#
# COMPACT_ATOMS: atom_id res chain seq x y z
N GLU A 12 1.78 14.43 -18.41
CA GLU A 12 0.29 14.34 -18.35
C GLU A 12 -0.14 13.10 -17.58
N ARG A 13 0.00 11.92 -18.18
CA ARG A 13 -0.43 10.68 -17.51
C ARG A 13 0.54 10.32 -16.40
N PRO A 14 0.01 9.99 -15.21
CA PRO A 14 0.92 9.65 -14.12
C PRO A 14 1.60 8.32 -14.37
N ARG A 15 2.93 8.31 -14.35
CA ARG A 15 3.71 7.10 -14.67
C ARG A 15 4.76 6.87 -13.60
N LEU A 16 4.65 5.77 -12.87
CA LEU A 16 5.58 5.45 -11.78
C LEU A 16 6.51 4.26 -12.00
N ALA A 17 6.18 3.33 -12.89
CA ALA A 17 6.98 2.11 -13.04
C ALA A 17 8.44 2.47 -13.33
N ARG A 18 8.63 3.52 -14.12
CA ARG A 18 9.96 4.02 -14.47
C ARG A 18 10.83 4.40 -13.27
N PHE A 19 10.22 4.66 -12.12
CA PHE A 19 10.97 5.04 -10.90
C PHE A 19 11.12 3.90 -9.90
N LEU A 20 10.55 2.74 -10.23
CA LEU A 20 10.48 1.62 -9.31
C LEU A 20 10.97 0.30 -9.93
N ALA A 21 11.93 0.40 -10.86
CA ALA A 21 12.41 -0.78 -11.56
C ALA A 21 12.91 -1.91 -10.66
N ASP A 22 13.76 -1.58 -9.68
CA ASP A 22 14.33 -2.62 -8.81
C ASP A 22 13.25 -3.34 -8.02
N ASP A 23 12.29 -2.58 -7.50
CA ASP A 23 11.22 -3.17 -6.71
C ASP A 23 10.29 -4.02 -7.56
N ILE A 24 10.06 -3.59 -8.80
CA ILE A 24 9.25 -4.39 -9.72
C ILE A 24 9.98 -5.70 -10.05
N LYS A 25 11.27 -5.63 -10.37
CA LYS A 25 12.02 -6.86 -10.73
C LYS A 25 12.12 -7.81 -9.55
N ALA A 26 12.29 -7.27 -8.35
CA ALA A 26 12.35 -8.08 -7.12
C ALA A 26 10.98 -8.58 -6.66
N GLN A 27 9.92 -8.12 -7.32
CA GLN A 27 8.53 -8.47 -7.02
C GLN A 27 8.10 -7.97 -5.62
N ARG A 28 8.74 -6.89 -5.16
N ARG A 28 8.72 -6.88 -5.15
CA ARG A 28 8.31 -6.19 -3.94
CA ARG A 28 8.28 -6.22 -3.92
C ARG A 28 7.07 -5.33 -4.16
C ARG A 28 7.07 -5.32 -4.16
N VAL A 29 6.91 -4.83 -5.38
CA VAL A 29 5.70 -4.09 -5.76
C VAL A 29 5.29 -4.49 -7.16
N ALA A 30 4.04 -4.16 -7.49
CA ALA A 30 3.58 -4.19 -8.87
C ALA A 30 2.97 -2.83 -9.18
N VAL A 31 3.16 -2.37 -10.41
CA VAL A 31 2.72 -1.03 -10.80
C VAL A 31 1.90 -1.12 -12.06
N GLU A 32 0.69 -0.56 -11.99
CA GLU A 32 -0.17 -0.37 -13.15
C GLU A 32 -0.14 1.11 -13.52
N ASP A 33 0.45 1.43 -14.66
CA ASP A 33 0.43 2.80 -15.20
C ASP A 33 -0.77 2.86 -16.14
N ALA A 34 -1.86 3.37 -15.59
CA ALA A 34 -3.16 3.44 -16.28
C ALA A 34 -3.36 4.81 -16.90
N VAL A 35 -4.50 4.98 -17.58
CA VAL A 35 -4.77 6.20 -18.33
C VAL A 35 -4.77 7.48 -17.48
N ASP A 36 -5.25 7.36 -16.24
CA ASP A 36 -5.51 8.51 -15.38
C ASP A 36 -4.95 8.35 -13.95
N ARG A 37 -4.17 7.29 -13.73
CA ARG A 37 -3.72 6.87 -12.41
C ARG A 37 -2.52 5.97 -12.59
N SER A 38 -1.61 5.98 -11.62
CA SER A 38 -0.66 4.89 -11.47
CA SER A 38 -0.65 4.88 -11.45
C SER A 38 -0.97 4.23 -10.13
N VAL A 39 -1.10 2.91 -10.13
CA VAL A 39 -1.46 2.16 -8.92
C VAL A 39 -0.30 1.26 -8.53
N VAL A 40 0.24 1.47 -7.33
CA VAL A 40 1.31 0.64 -6.80
C VAL A 40 0.70 -0.31 -5.78
N THR A 41 0.74 -1.61 -6.09
CA THR A 41 0.25 -2.63 -5.17
C THR A 41 1.44 -3.20 -4.38
N ILE A 42 1.29 -3.21 -3.07
CA ILE A 42 2.33 -3.73 -2.19
C ILE A 42 1.69 -4.71 -1.20
N ARG A 43 2.10 -5.98 -1.25
CA ARG A 43 1.65 -6.95 -0.26
CA ARG A 43 1.67 -6.96 -0.25
C ARG A 43 1.99 -6.44 1.15
N GLY A 44 1.09 -6.67 2.09
CA GLY A 44 1.36 -6.30 3.49
C GLY A 44 2.66 -6.88 4.01
N ASP A 45 3.01 -8.09 3.56
N ASP A 45 3.02 -8.07 3.56
CA ASP A 45 4.23 -8.76 4.01
CA ASP A 45 4.22 -8.72 4.05
C ASP A 45 5.49 -7.98 3.67
C ASP A 45 5.51 -7.98 3.67
N GLU A 46 5.44 -7.08 2.68
CA GLU A 46 6.59 -6.27 2.30
C GLU A 46 6.82 -5.07 3.21
N LEU A 47 5.85 -4.77 4.09
CA LEU A 47 5.86 -3.55 4.91
C LEU A 47 5.73 -3.80 6.40
N PHE A 48 4.84 -4.72 6.78
CA PHE A 48 4.37 -4.85 8.15
C PHE A 48 4.66 -6.25 8.67
N ALA A 49 4.93 -6.36 9.97
CA ALA A 49 4.90 -7.67 10.62
C ALA A 49 3.46 -8.18 10.62
N SER A 50 3.33 -9.50 10.74
CA SER A 50 2.03 -10.14 10.83
C SER A 50 1.17 -9.44 11.86
N ALA A 51 -0.07 -9.12 11.47
CA ALA A 51 -1.07 -8.56 12.39
C ALA A 51 -0.73 -7.16 12.95
N SER A 52 0.21 -6.47 12.31
CA SER A 52 0.67 -5.14 12.75
C SER A 52 0.42 -4.11 11.62
N ALA A 53 0.31 -2.84 11.99
CA ALA A 53 0.18 -1.73 11.04
C ALA A 53 1.37 -0.77 11.08
N SER A 54 2.43 -1.16 11.79
CA SER A 54 3.67 -0.40 11.79
CA SER A 54 3.68 -0.41 11.81
C SER A 54 4.57 -0.88 10.66
N VAL A 55 5.12 0.06 9.90
CA VAL A 55 6.05 -0.29 8.84
C VAL A 55 7.38 -0.60 9.50
N ARG A 56 7.86 -1.83 9.33
CA ARG A 56 9.10 -2.27 9.97
C ARG A 56 10.25 -1.35 9.56
N ASP A 57 11.17 -1.04 10.48
CA ASP A 57 12.28 -0.15 10.15
C ASP A 57 12.99 -0.62 8.89
N GLU A 58 13.20 -1.93 8.80
CA GLU A 58 13.97 -2.51 7.70
C GLU A 58 13.31 -2.35 6.32
N PHE A 59 11.99 -2.09 6.31
CA PHE A 59 11.21 -1.97 5.07
C PHE A 59 10.77 -0.55 4.77
N GLN A 60 11.06 0.38 5.67
CA GLN A 60 10.82 1.79 5.39
C GLN A 60 11.47 2.29 4.11
N PRO A 61 12.65 1.77 3.73
CA PRO A 61 13.22 2.28 2.48
C PRO A 61 12.33 2.01 1.25
N LEU A 62 11.53 0.94 1.27
CA LEU A 62 10.59 0.70 0.17
C LEU A 62 9.60 1.86 0.05
N LEU A 63 9.02 2.27 1.16
CA LEU A 63 8.11 3.42 1.14
C LEU A 63 8.85 4.70 0.80
N LEU A 64 10.10 4.82 1.23
CA LEU A 64 10.89 5.99 0.83
C LEU A 64 11.05 6.09 -0.69
N ARG A 65 11.28 4.96 -1.36
CA ARG A 65 11.39 4.97 -2.83
C ARG A 65 10.08 5.40 -3.47
N ILE A 66 8.96 5.00 -2.87
CA ILE A 66 7.63 5.45 -3.31
CA ILE A 66 7.68 5.47 -3.36
C ILE A 66 7.53 6.97 -3.14
N ALA A 67 7.90 7.47 -1.98
CA ALA A 67 7.90 8.90 -1.73
C ALA A 67 8.75 9.67 -2.73
N ASP A 68 9.92 9.13 -3.07
CA ASP A 68 10.80 9.76 -4.02
C ASP A 68 10.11 9.87 -5.39
N ALA A 69 9.44 8.80 -5.80
CA ALA A 69 8.69 8.80 -7.05
C ALA A 69 7.56 9.83 -7.01
N LEU A 70 6.90 9.94 -5.87
CA LEU A 70 5.75 10.84 -5.72
C LEU A 70 6.15 12.31 -5.69
N ARG A 71 7.43 12.59 -5.41
CA ARG A 71 7.96 13.94 -5.55
C ARG A 71 8.02 14.40 -7.01
N LYS A 72 8.11 13.43 -7.91
CA LYS A 72 8.24 13.66 -9.34
C LYS A 72 6.89 13.70 -10.08
N VAL A 73 5.87 13.06 -9.50
CA VAL A 73 4.53 12.99 -10.10
C VAL A 73 3.56 13.55 -9.07
N LYS A 74 3.22 14.83 -9.22
CA LYS A 74 2.57 15.60 -8.16
C LYS A 74 1.03 15.52 -8.19
N GLY A 75 0.50 14.30 -8.28
CA GLY A 75 -0.92 14.07 -8.15
C GLY A 75 -1.34 13.77 -6.72
N GLN A 76 -2.63 13.94 -6.47
CA GLN A 76 -3.27 13.46 -5.24
C GLN A 76 -3.03 11.95 -5.09
N VAL A 77 -3.03 11.45 -3.85
CA VAL A 77 -2.75 10.05 -3.59
C VAL A 77 -3.79 9.45 -2.67
N LEU A 78 -4.32 8.30 -3.10
CA LEU A 78 -5.25 7.48 -2.31
C LEU A 78 -4.54 6.17 -1.92
N VAL A 79 -4.65 5.81 -0.66
CA VAL A 79 -4.14 4.53 -0.19
C VAL A 79 -5.31 3.69 0.30
N THR A 80 -5.54 2.54 -0.33
CA THR A 80 -6.55 1.60 0.16
C THR A 80 -5.84 0.41 0.80
N GLY A 81 -6.40 -0.03 1.92
CA GLY A 81 -5.86 -1.16 2.68
C GLY A 81 -6.82 -2.33 2.61
N HIS A 82 -6.25 -3.54 2.53
CA HIS A 82 -7.01 -4.76 2.30
C HIS A 82 -6.47 -5.87 3.18
N SER A 83 -7.39 -6.74 3.61
CA SER A 83 -7.09 -7.92 4.38
C SER A 83 -7.44 -9.16 3.58
N ASP A 84 -7.05 -10.31 4.11
CA ASP A 84 -7.61 -11.59 3.70
C ASP A 84 -8.91 -11.79 4.50
N ASN A 85 -9.45 -13.01 4.55
CA ASN A 85 -10.65 -13.30 5.34
C ASN A 85 -10.36 -14.15 6.59
N ARG A 86 -9.12 -14.08 7.06
CA ARG A 86 -8.62 -14.89 8.17
C ARG A 86 -7.98 -13.97 9.20
N PRO A 87 -8.80 -13.29 10.00
CA PRO A 87 -8.25 -12.31 10.94
C PRO A 87 -7.34 -12.90 12.01
N ILE A 88 -6.30 -12.15 12.34
CA ILE A 88 -5.43 -12.43 13.49
C ILE A 88 -5.73 -11.27 14.46
N ALA A 89 -6.83 -11.39 15.20
CA ALA A 89 -7.32 -10.30 16.05
C ALA A 89 -6.38 -10.05 17.23
N THR A 90 -6.18 -8.76 17.54
CA THR A 90 -5.35 -8.33 18.67
C THR A 90 -6.01 -7.16 19.37
N LEU A 91 -5.47 -6.78 20.53
CA LEU A 91 -5.97 -5.64 21.26
C LEU A 91 -6.01 -4.36 20.44
N ARG A 92 -4.97 -4.14 19.62
CA ARG A 92 -4.85 -2.92 18.86
C ARG A 92 -5.73 -2.98 17.61
N TYR A 93 -5.86 -4.18 17.02
CA TYR A 93 -6.61 -4.37 15.77
C TYR A 93 -7.60 -5.51 15.94
N PRO A 94 -8.79 -5.20 16.48
CA PRO A 94 -9.73 -6.27 16.82
C PRO A 94 -10.44 -6.93 15.63
N SER A 95 -10.21 -6.44 14.43
CA SER A 95 -10.79 -6.99 13.22
C SER A 95 -9.84 -6.80 12.05
N ASN A 96 -10.07 -7.58 11.01
CA ASN A 96 -9.38 -7.38 9.76
C ASN A 96 -9.71 -6.00 9.17
N TRP A 97 -10.94 -5.53 9.37
CA TRP A 97 -11.29 -4.18 8.92
C TRP A 97 -10.37 -3.14 9.56
N LYS A 98 -10.23 -3.21 10.87
CA LYS A 98 -9.43 -2.22 11.55
C LYS A 98 -7.97 -2.30 11.15
N LEU A 99 -7.45 -3.51 11.01
CA LEU A 99 -6.08 -3.66 10.54
C LEU A 99 -5.90 -3.05 9.14
N SER A 100 -6.87 -3.29 8.25
CA SER A 100 -6.77 -2.78 6.88
C SER A 100 -6.79 -1.24 6.87
N GLN A 101 -7.62 -0.66 7.72
CA GLN A 101 -7.67 0.80 7.83
C GLN A 101 -6.37 1.36 8.38
N ALA A 102 -5.87 0.72 9.44
CA ALA A 102 -4.67 1.21 10.10
C ALA A 102 -3.44 1.11 9.20
N ARG A 103 -3.38 0.03 8.40
CA ARG A 103 -2.29 -0.15 7.46
C ARG A 103 -2.30 0.93 6.38
N ALA A 104 -3.48 1.19 5.81
CA ALA A 104 -3.59 2.25 4.82
C ALA A 104 -3.24 3.61 5.41
N GLN A 105 -3.76 3.86 6.60
CA GLN A 105 -3.52 5.16 7.22
C GLN A 105 -2.04 5.36 7.57
N GLU A 106 -1.37 4.30 8.03
CA GLU A 106 0.04 4.44 8.36
C GLU A 106 0.88 4.77 7.11
N VAL A 107 0.55 4.10 6.00
CA VAL A 107 1.23 4.39 4.74
C VAL A 107 0.98 5.84 4.32
N ALA A 108 -0.28 6.27 4.37
CA ALA A 108 -0.60 7.65 4.02
C ALA A 108 0.13 8.64 4.92
N ASP A 109 0.17 8.34 6.22
CA ASP A 109 0.79 9.25 7.19
C ASP A 109 2.30 9.36 6.92
N LEU A 110 2.94 8.23 6.67
CA LEU A 110 4.38 8.22 6.45
C LEU A 110 4.74 8.95 5.16
N LEU A 111 3.96 8.71 4.11
CA LEU A 111 4.22 9.36 2.83
C LEU A 111 3.96 10.86 2.91
N GLY A 112 2.88 11.25 3.60
CA GLY A 112 2.59 12.67 3.83
C GLY A 112 3.71 13.37 4.59
N ALA A 113 4.24 12.72 5.62
CA ALA A 113 5.29 13.34 6.43
C ALA A 113 6.60 13.50 5.64
N THR A 114 6.92 12.52 4.81
CA THR A 114 8.16 12.55 4.03
C THR A 114 8.08 13.53 2.86
N THR A 115 6.96 13.55 2.14
CA THR A 115 6.80 14.53 1.07
C THR A 115 6.57 15.96 1.59
N GLY A 116 6.04 16.06 2.81
CA GLY A 116 5.61 17.34 3.36
C GLY A 116 4.36 17.93 2.73
N ASP A 117 3.59 17.11 2.02
CA ASP A 117 2.38 17.56 1.35
C ASP A 117 1.17 17.16 2.19
N ALA A 118 0.71 18.09 3.02
CA ALA A 118 -0.39 17.85 3.94
C ALA A 118 -1.73 17.94 3.21
N GLY A 119 -2.50 16.86 3.25
CA GLY A 119 -3.80 16.79 2.59
C GLY A 119 -3.76 16.06 1.25
N ARG A 120 -2.55 15.78 0.78
CA ARG A 120 -2.33 15.05 -0.47
C ARG A 120 -2.67 13.58 -0.39
N PHE A 121 -2.58 13.00 0.80
CA PHE A 121 -2.78 11.55 0.99
C PHE A 121 -4.00 11.29 1.85
N THR A 122 -4.86 10.41 1.38
CA THR A 122 -5.92 9.91 2.21
C THR A 122 -5.92 8.41 2.15
N ALA A 123 -6.60 7.81 3.12
CA ALA A 123 -6.60 6.38 3.32
C ALA A 123 -7.97 5.82 3.61
N GLU A 124 -8.19 4.59 3.15
CA GLU A 124 -9.45 3.85 3.35
CA GLU A 124 -9.43 3.87 3.45
C GLU A 124 -9.14 2.37 3.61
N GLY A 125 -9.69 1.81 4.68
CA GLY A 125 -9.65 0.39 4.91
C GLY A 125 -10.85 -0.26 4.26
N ARG A 126 -10.58 -1.31 3.50
CA ARG A 126 -11.63 -2.03 2.75
C ARG A 126 -11.77 -3.48 3.15
N SER A 127 -11.11 -3.85 4.26
CA SER A 127 -11.15 -5.21 4.82
CA SER A 127 -11.27 -5.17 4.80
C SER A 127 -11.04 -6.25 3.72
N ASP A 128 -11.90 -7.26 3.70
CA ASP A 128 -11.81 -8.37 2.74
C ASP A 128 -12.76 -8.25 1.55
N THR A 129 -13.24 -7.05 1.32
CA THR A 129 -14.32 -6.83 0.36
C THR A 129 -13.87 -6.77 -1.10
N GLU A 130 -12.57 -6.58 -1.32
CA GLU A 130 -11.98 -6.34 -2.62
C GLU A 130 -10.77 -7.26 -2.83
N PRO A 131 -11.00 -8.58 -2.82
CA PRO A 131 -9.89 -9.49 -3.07
C PRO A 131 -9.37 -9.42 -4.50
N VAL A 132 -8.09 -9.73 -4.66
CA VAL A 132 -7.45 -9.90 -5.98
C VAL A 132 -7.02 -11.36 -6.24
N ALA A 133 -7.21 -12.20 -5.22
CA ALA A 133 -6.81 -13.57 -5.23
C ALA A 133 -7.78 -14.38 -4.39
N THR A 134 -7.71 -15.69 -4.51
CA THR A 134 -8.40 -16.56 -3.55
C THR A 134 -7.87 -16.40 -2.13
N ASN A 135 -8.78 -16.53 -1.16
CA ASN A 135 -8.40 -16.68 0.24
C ASN A 135 -8.25 -18.16 0.65
N ALA A 136 -8.38 -19.08 -0.31
CA ALA A 136 -8.36 -20.50 -0.01
C ALA A 136 -6.97 -21.11 0.01
N SER A 137 -5.94 -20.30 -0.17
CA SER A 137 -4.56 -20.75 0.00
C SER A 137 -3.78 -19.71 0.76
N ALA A 138 -2.69 -20.12 1.39
CA ALA A 138 -1.86 -19.16 2.11
C ALA A 138 -1.28 -18.11 1.16
N GLU A 139 -0.84 -18.54 -0.01
CA GLU A 139 -0.26 -17.58 -0.95
C GLU A 139 -1.32 -16.57 -1.46
N GLY A 140 -2.56 -17.02 -1.67
CA GLY A 140 -3.62 -16.12 -2.08
C GLY A 140 -3.95 -15.13 -1.00
N ARG A 141 -4.04 -15.59 0.24
CA ARG A 141 -4.28 -14.67 1.34
C ARG A 141 -3.19 -13.60 1.42
N ALA A 142 -1.94 -14.00 1.21
CA ALA A 142 -0.83 -13.07 1.26
C ALA A 142 -0.90 -12.02 0.15
N ARG A 143 -1.48 -12.39 -1.00
CA ARG A 143 -1.71 -11.40 -2.07
C ARG A 143 -2.86 -10.44 -1.73
N ASN A 144 -3.87 -10.93 -1.01
CA ASN A 144 -5.01 -10.08 -0.65
C ASN A 144 -4.68 -9.04 0.42
N ARG A 145 -3.84 -9.44 1.38
CA ARG A 145 -3.35 -8.51 2.40
C ARG A 145 -2.38 -7.56 1.71
N ARG A 146 -2.77 -6.30 1.53
CA ARG A 146 -2.02 -5.41 0.67
C ARG A 146 -2.48 -3.98 0.88
N VAL A 147 -1.66 -3.05 0.41
CA VAL A 147 -2.12 -1.70 0.15
C VAL A 147 -2.02 -1.43 -1.36
N GLU A 148 -2.95 -0.61 -1.84
CA GLU A 148 -2.90 -0.08 -3.20
C GLU A 148 -2.75 1.41 -3.08
N ILE A 149 -1.65 1.92 -3.62
CA ILE A 149 -1.32 3.34 -3.56
C ILE A 149 -1.59 3.93 -4.95
N THR A 150 -2.62 4.75 -5.07
CA THR A 150 -3.02 5.33 -6.34
C THR A 150 -2.57 6.78 -6.38
N VAL A 151 -1.77 7.12 -7.39
CA VAL A 151 -1.43 8.52 -7.66
C VAL A 151 -2.20 8.92 -8.91
N PHE A 152 -2.91 10.02 -8.79
CA PHE A 152 -3.69 10.60 -9.88
C PHE A 152 -2.83 11.54 -10.71
N ALA A 153 -3.35 11.98 -11.84
CA ALA A 153 -2.61 12.89 -12.73
C ALA A 153 -2.21 14.19 -12.02
N GLU A 154 -1.00 14.68 -12.33
CA GLU A 154 -0.54 15.96 -11.78
C GLU A 154 -1.30 17.11 -12.44
C1 EDO B . -7.50 2.06 -7.43
O1 EDO B . -7.07 3.18 -8.22
C2 EDO B . -8.36 1.07 -8.21
O2 EDO B . -7.62 0.53 -9.31
P PO4 C . 1.71 -2.18 15.78
O1 PO4 C . 3.07 -2.69 15.36
O2 PO4 C . 1.04 -3.23 16.61
O3 PO4 C . 1.85 -0.94 16.63
O4 PO4 C . 0.84 -1.85 14.61
#